data_5E04
#
_entry.id   5E04
#
_cell.length_a   52.526
_cell.length_b   99.652
_cell.length_c   136.388
_cell.angle_alpha   90.00
_cell.angle_beta   90.00
_cell.angle_gamma   90.00
#
_symmetry.space_group_name_H-M   'P 21 21 21'
#
loop_
_entity.id
_entity.type
_entity.pdbx_description
1 polymer Nucleoprotein
2 water water
#
_entity_poly.entity_id   1
_entity_poly.type   'polypeptide(L)'
_entity_poly.pdbx_seq_one_letter_code
;SADWKAIGAYILGFAIPIILKALYMLSTRGRQTVKDNKGTRIRFKDDSSFEEVNGIRKPKHLYVSMPTAQSTMKAEEITP
GRFRTIACGLFPAQVKARNIISPVMGVIGFGFFVKDWMDRIEEFLAAECPFLPKPKVASEAFMSTNKMYFLNRQRQVNES
KVQDIIDLIDHAETESATLFTEIATPHSVWVFACAPDRCPPTALYVAGVPELGAFFSILQDMRNTIMASKSVGTAEEKLK
KKSAFYQSYLRRTQSMGIQLDQKIIILYMLSWGKEAVNHFHLGD
;
_entity_poly.pdbx_strand_id   A,B
#
# COMPACT_ATOMS: atom_id res chain seq x y z
N SER A 1 9.52 -15.93 -22.30
CA SER A 1 8.25 -16.64 -22.46
C SER A 1 7.58 -16.30 -23.78
N ALA A 2 6.38 -15.74 -23.70
CA ALA A 2 5.53 -15.49 -24.88
C ALA A 2 6.17 -14.65 -25.97
N ASP A 3 5.95 -15.05 -27.22
CA ASP A 3 6.39 -14.28 -28.37
C ASP A 3 5.29 -13.29 -28.76
N TRP A 4 5.30 -12.12 -28.13
CA TRP A 4 4.23 -11.16 -28.30
C TRP A 4 4.13 -10.64 -29.73
N LYS A 5 5.26 -10.62 -30.42
CA LYS A 5 5.29 -10.20 -31.81
C LYS A 5 4.45 -11.14 -32.67
N ALA A 6 4.70 -12.43 -32.55
CA ALA A 6 4.02 -13.45 -33.35
C ALA A 6 2.53 -13.53 -33.04
N ILE A 7 2.22 -13.52 -31.74
CA ILE A 7 0.84 -13.60 -31.28
C ILE A 7 0.04 -12.40 -31.77
N GLY A 8 0.61 -11.21 -31.62
CA GLY A 8 -0.06 -9.99 -32.03
C GLY A 8 -0.30 -9.95 -33.53
N ALA A 9 0.68 -10.41 -34.31
CA ALA A 9 0.54 -10.40 -35.77
C ALA A 9 -0.67 -11.24 -36.18
N TYR A 10 -0.81 -12.42 -35.56
CA TYR A 10 -1.95 -13.28 -35.80
C TYR A 10 -3.26 -12.56 -35.45
N ILE A 11 -3.34 -12.04 -34.23
CA ILE A 11 -4.55 -11.37 -33.77
C ILE A 11 -4.88 -10.14 -34.61
N LEU A 12 -3.85 -9.41 -35.05
CA LEU A 12 -4.07 -8.18 -35.81
C LEU A 12 -4.66 -8.43 -37.21
N GLY A 13 -4.64 -9.67 -37.66
CA GLY A 13 -5.22 -10.05 -38.93
C GLY A 13 -6.73 -10.25 -38.93
N PHE A 14 -7.34 -10.13 -37.75
CA PHE A 14 -8.78 -10.36 -37.68
C PHE A 14 -9.57 -9.08 -37.61
N ALA A 15 -10.85 -9.16 -37.94
CA ALA A 15 -11.74 -8.02 -37.82
C ALA A 15 -11.93 -7.72 -36.35
N ILE A 16 -12.07 -6.44 -36.04
CA ILE A 16 -12.20 -5.98 -34.66
C ILE A 16 -13.36 -6.65 -33.91
N PRO A 17 -14.56 -6.78 -34.54
CA PRO A 17 -15.65 -7.40 -33.77
C PRO A 17 -15.38 -8.82 -33.27
N ILE A 18 -14.72 -9.68 -34.04
CA ILE A 18 -14.49 -11.04 -33.54
C ILE A 18 -13.43 -11.07 -32.42
N ILE A 19 -12.41 -10.21 -32.53
CA ILE A 19 -11.41 -10.09 -31.49
C ILE A 19 -12.05 -9.70 -30.18
N LEU A 20 -12.89 -8.67 -30.22
CA LEU A 20 -13.55 -8.18 -29.01
C LEU A 20 -14.56 -9.18 -28.47
N LYS A 21 -15.20 -9.92 -29.37
CA LYS A 21 -16.12 -10.98 -28.99
C LYS A 21 -15.38 -11.98 -28.11
N ALA A 22 -14.23 -12.47 -28.59
CA ALA A 22 -13.44 -13.42 -27.81
C ALA A 22 -12.83 -12.78 -26.58
N LEU A 23 -12.46 -11.50 -26.69
CA LEU A 23 -11.94 -10.80 -25.52
C LEU A 23 -13.02 -10.66 -24.46
N TYR A 24 -14.27 -10.37 -24.87
CA TYR A 24 -15.37 -10.33 -23.91
C TYR A 24 -15.54 -11.67 -23.19
N MET A 25 -15.52 -12.76 -23.97
CA MET A 25 -15.84 -14.07 -23.44
C MET A 25 -14.80 -14.52 -22.45
N LEU A 26 -13.54 -14.37 -22.81
CA LEU A 26 -12.44 -14.87 -21.99
C LEU A 26 -12.19 -14.01 -20.73
N SER A 27 -12.72 -12.78 -20.74
CA SER A 27 -12.50 -11.86 -19.62
C SER A 27 -13.57 -12.01 -18.56
N THR A 28 -14.81 -12.07 -19.03
CA THR A 28 -15.98 -12.18 -18.14
C THR A 28 -16.31 -13.64 -17.83
N ARG A 29 -16.51 -14.41 -18.90
CA ARG A 29 -16.89 -15.81 -18.80
C ARG A 29 -15.68 -16.75 -18.98
N GLY A 30 -14.55 -16.37 -18.38
CA GLY A 30 -13.28 -17.05 -18.59
C GLY A 30 -13.19 -18.55 -18.36
N ARG A 31 -13.33 -18.98 -17.11
CA ARG A 31 -13.14 -20.40 -16.75
C ARG A 31 -14.23 -21.31 -17.30
N GLN A 32 -15.40 -20.77 -17.60
CA GLN A 32 -16.51 -21.60 -18.07
C GLN A 32 -16.41 -21.94 -19.56
N THR A 33 -15.95 -21.02 -20.40
CA THR A 33 -15.83 -21.32 -21.83
C THR A 33 -14.73 -22.36 -22.06
N VAL A 34 -13.75 -22.40 -21.16
CA VAL A 34 -12.72 -23.44 -21.20
C VAL A 34 -13.28 -24.80 -20.74
N LYS A 35 -14.05 -24.82 -19.66
CA LYS A 35 -14.67 -26.06 -19.17
C LYS A 35 -15.63 -26.65 -20.20
N ASP A 36 -16.40 -25.78 -20.85
CA ASP A 36 -17.44 -26.19 -21.79
C ASP A 36 -16.93 -26.57 -23.18
N ASN A 37 -15.64 -26.33 -23.45
CA ASN A 37 -15.14 -26.44 -24.81
C ASN A 37 -14.74 -27.86 -25.22
N LYS A 38 -15.37 -28.34 -26.29
CA LYS A 38 -15.06 -29.64 -26.87
C LYS A 38 -13.67 -29.69 -27.49
N GLY A 39 -12.67 -30.04 -26.68
CA GLY A 39 -11.39 -30.47 -27.20
C GLY A 39 -10.19 -29.53 -27.18
N THR A 40 -9.50 -29.49 -28.32
CA THR A 40 -8.11 -29.03 -28.41
C THR A 40 -7.92 -27.50 -28.41
N ARG A 41 -8.83 -26.79 -29.05
CA ARG A 41 -8.76 -25.34 -29.09
C ARG A 41 -10.14 -24.74 -28.88
N ILE A 42 -10.16 -23.49 -28.44
CA ILE A 42 -11.40 -22.73 -28.40
C ILE A 42 -11.58 -22.00 -29.73
N ARG A 43 -12.68 -22.30 -30.42
CA ARG A 43 -12.97 -21.66 -31.70
C ARG A 43 -13.96 -20.52 -31.53
N PHE A 44 -13.65 -19.38 -32.14
CA PHE A 44 -14.53 -18.21 -32.11
C PHE A 44 -14.96 -17.87 -33.53
N LYS A 45 -16.21 -17.44 -33.69
CA LYS A 45 -16.66 -17.00 -34.99
C LYS A 45 -17.50 -15.75 -34.87
N ASP A 46 -17.67 -15.06 -35.99
CA ASP A 46 -18.43 -13.82 -36.02
C ASP A 46 -18.55 -13.40 -37.47
N ASP A 47 -19.69 -12.81 -37.82
CA ASP A 47 -20.01 -12.54 -39.22
C ASP A 47 -19.16 -11.43 -39.79
N SER A 48 -18.35 -10.82 -38.94
CA SER A 48 -17.44 -9.77 -39.39
C SER A 48 -16.12 -10.36 -39.86
N SER A 49 -15.90 -11.63 -39.54
CA SER A 49 -14.63 -12.28 -39.80
C SER A 49 -14.78 -13.32 -40.90
N PHE A 50 -14.29 -12.98 -42.08
CA PHE A 50 -14.39 -13.87 -43.24
C PHE A 50 -13.24 -13.67 -44.22
N GLU A 51 -13.16 -14.55 -45.20
CA GLU A 51 -12.25 -14.37 -46.33
C GLU A 51 -12.99 -14.63 -47.64
N GLU A 52 -12.92 -13.67 -48.55
CA GLU A 52 -13.54 -13.78 -49.86
C GLU A 52 -12.67 -14.60 -50.83
N VAL A 53 -13.09 -15.84 -51.08
CA VAL A 53 -12.27 -16.82 -51.83
C VAL A 53 -13.01 -17.63 -52.92
N ASN A 54 -13.36 -17.03 -54.05
CA ASN A 54 -13.32 -15.59 -54.26
C ASN A 54 -14.75 -15.10 -54.49
N GLY A 55 -15.51 -15.89 -55.24
CA GLY A 55 -16.92 -15.62 -55.42
C GLY A 55 -17.67 -15.98 -54.15
N ILE A 56 -17.02 -16.77 -53.30
CA ILE A 56 -17.63 -17.24 -52.07
C ILE A 56 -16.93 -16.67 -50.83
N ARG A 57 -17.72 -16.30 -49.83
CA ARG A 57 -17.20 -15.91 -48.53
C ARG A 57 -16.95 -17.15 -47.68
N LYS A 58 -15.71 -17.29 -47.22
CA LYS A 58 -15.36 -18.34 -46.27
C LYS A 58 -15.22 -17.68 -44.91
N PRO A 59 -15.96 -18.18 -43.90
CA PRO A 59 -15.72 -17.60 -42.57
C PRO A 59 -14.28 -17.82 -42.11
N LYS A 60 -13.79 -16.91 -41.29
CA LYS A 60 -12.44 -16.99 -40.76
C LYS A 60 -12.56 -16.99 -39.24
N HIS A 61 -12.14 -18.09 -38.60
CA HIS A 61 -12.33 -18.30 -37.16
C HIS A 61 -11.12 -17.91 -36.30
N LEU A 62 -11.37 -17.28 -35.16
CA LEU A 62 -10.31 -16.99 -34.20
C LEU A 62 -10.06 -18.16 -33.25
N TYR A 63 -8.85 -18.73 -33.26
CA TYR A 63 -8.54 -19.80 -32.33
C TYR A 63 -7.64 -19.35 -31.20
N VAL A 64 -8.07 -19.71 -29.99
CA VAL A 64 -7.27 -19.60 -28.79
C VAL A 64 -7.07 -21.01 -28.25
N SER A 65 -5.85 -21.35 -27.86
CA SER A 65 -5.55 -22.70 -27.39
C SER A 65 -6.12 -22.96 -26.00
N MET A 66 -6.41 -24.24 -25.71
CA MET A 66 -6.71 -24.65 -24.35
C MET A 66 -5.40 -24.63 -23.54
N PRO A 67 -5.45 -24.10 -22.31
CA PRO A 67 -4.27 -23.83 -21.48
C PRO A 67 -3.56 -24.81 -20.54
N THR A 68 -4.06 -26.04 -20.51
CA THR A 68 -3.33 -27.22 -20.02
C THR A 68 -2.07 -27.69 -20.76
N ALA A 69 -0.88 -27.57 -20.17
CA ALA A 69 -0.63 -26.93 -18.88
C ALA A 69 0.66 -26.35 -19.44
N GLN A 70 1.64 -27.19 -19.66
CA GLN A 70 3.01 -26.77 -19.99
C GLN A 70 3.50 -26.39 -21.40
N LYS A 74 4.67 -23.41 -24.80
CA LYS A 74 5.79 -22.57 -25.22
C LYS A 74 5.40 -21.31 -26.03
N ALA A 75 6.39 -20.72 -26.68
CA ALA A 75 6.41 -19.30 -27.05
C ALA A 75 5.29 -18.80 -27.95
N GLU A 76 4.87 -19.60 -28.93
CA GLU A 76 3.92 -19.12 -29.93
C GLU A 76 2.47 -19.20 -29.43
N GLU A 77 2.18 -20.25 -28.65
CA GLU A 77 0.83 -20.60 -28.25
C GLU A 77 0.02 -19.46 -27.63
N ILE A 78 -1.22 -19.32 -28.10
CA ILE A 78 -2.12 -18.29 -27.61
C ILE A 78 -3.11 -18.86 -26.62
N THR A 79 -2.70 -18.88 -25.36
CA THR A 79 -3.56 -19.27 -24.26
C THR A 79 -4.55 -18.12 -24.03
N PRO A 80 -5.65 -18.38 -23.29
CA PRO A 80 -6.55 -17.24 -23.01
C PRO A 80 -5.86 -16.11 -22.24
N GLY A 81 -4.87 -16.44 -21.41
CA GLY A 81 -4.17 -15.44 -20.63
C GLY A 81 -3.34 -14.54 -21.54
N ARG A 82 -2.63 -15.16 -22.47
CA ARG A 82 -1.82 -14.39 -23.37
C ARG A 82 -2.72 -13.57 -24.30
N PHE A 83 -3.83 -14.16 -24.74
CA PHE A 83 -4.76 -13.42 -25.60
C PHE A 83 -5.32 -12.18 -24.90
N ARG A 84 -5.74 -12.32 -23.64
CA ARG A 84 -6.32 -11.18 -22.92
C ARG A 84 -5.30 -10.08 -22.72
N THR A 85 -4.09 -10.47 -22.29
CA THR A 85 -3.00 -9.53 -22.11
C THR A 85 -2.69 -8.77 -23.40
N ILE A 86 -2.58 -9.49 -24.52
CA ILE A 86 -2.24 -8.83 -25.79
C ILE A 86 -3.37 -7.92 -26.25
N ALA A 87 -4.60 -8.41 -26.25
CA ALA A 87 -5.68 -7.69 -26.91
C ALA A 87 -6.15 -6.48 -26.10
N CYS A 88 -6.04 -6.53 -24.77
CA CYS A 88 -6.50 -5.37 -24.01
C CYS A 88 -5.53 -4.20 -24.26
N GLY A 89 -4.30 -4.54 -24.61
CA GLY A 89 -3.33 -3.54 -25.04
C GLY A 89 -3.49 -3.07 -26.48
N LEU A 90 -3.85 -3.96 -27.40
CA LEU A 90 -4.00 -3.54 -28.79
C LEU A 90 -5.25 -2.67 -29.05
N PHE A 91 -6.35 -2.95 -28.36
CA PHE A 91 -7.62 -2.30 -28.71
C PHE A 91 -8.39 -1.65 -27.55
N PRO A 92 -7.74 -0.75 -26.78
CA PRO A 92 -8.41 -0.23 -25.59
C PRO A 92 -9.51 0.78 -25.91
N ALA A 93 -9.38 1.51 -27.02
CA ALA A 93 -10.44 2.40 -27.45
C ALA A 93 -11.73 1.61 -27.74
N GLN A 94 -11.58 0.47 -28.40
CA GLN A 94 -12.73 -0.37 -28.71
C GLN A 94 -13.26 -1.01 -27.43
N VAL A 95 -12.36 -1.38 -26.53
CA VAL A 95 -12.77 -1.97 -25.25
C VAL A 95 -13.63 -0.95 -24.48
N LYS A 96 -13.20 0.31 -24.47
CA LYS A 96 -13.95 1.38 -23.83
C LYS A 96 -15.29 1.61 -24.53
N ALA A 97 -15.27 1.67 -25.86
CA ALA A 97 -16.50 1.87 -26.64
C ALA A 97 -17.53 0.78 -26.35
N ARG A 98 -17.09 -0.46 -26.19
CA ARG A 98 -18.01 -1.54 -25.86
C ARG A 98 -18.20 -1.69 -24.37
N ASN A 99 -17.46 -0.87 -23.61
CA ASN A 99 -17.52 -0.91 -22.17
C ASN A 99 -17.31 -2.34 -21.62
N ILE A 100 -16.30 -3.01 -22.13
CA ILE A 100 -15.96 -4.33 -21.61
C ILE A 100 -15.06 -4.22 -20.38
N ILE A 101 -15.59 -4.63 -19.23
CA ILE A 101 -14.89 -4.57 -17.95
C ILE A 101 -14.96 -5.92 -17.28
N SER A 102 -13.82 -6.53 -17.04
CA SER A 102 -13.78 -7.80 -16.31
C SER A 102 -14.34 -7.61 -14.90
N PRO A 103 -15.11 -8.58 -14.40
CA PRO A 103 -15.65 -8.48 -13.04
C PRO A 103 -14.55 -8.29 -12.01
N VAL A 104 -13.44 -8.97 -12.26
CA VAL A 104 -12.24 -8.82 -11.45
C VAL A 104 -11.85 -7.35 -11.27
N MET A 105 -12.03 -6.53 -12.31
CA MET A 105 -11.80 -5.09 -12.21
C MET A 105 -13.05 -4.35 -11.79
N GLY A 106 -14.21 -4.86 -12.19
CA GLY A 106 -15.46 -4.29 -11.75
C GLY A 106 -15.62 -4.22 -10.24
N VAL A 107 -15.07 -5.19 -9.51
CA VAL A 107 -15.29 -5.20 -8.06
C VAL A 107 -14.39 -4.22 -7.31
N ILE A 108 -13.36 -3.69 -7.96
CA ILE A 108 -12.58 -2.62 -7.32
C ILE A 108 -12.99 -1.28 -7.92
N GLY A 109 -14.13 -1.31 -8.61
CA GLY A 109 -14.80 -0.10 -9.04
C GLY A 109 -14.15 0.55 -10.24
N PHE A 110 -13.60 -0.27 -11.14
CA PHE A 110 -12.92 0.24 -12.34
C PHE A 110 -13.81 1.18 -13.15
N GLY A 111 -15.08 0.81 -13.29
CA GLY A 111 -16.04 1.59 -14.04
C GLY A 111 -16.14 3.04 -13.57
N PHE A 112 -16.33 3.23 -12.27
CA PHE A 112 -16.40 4.57 -11.72
C PHE A 112 -15.03 5.25 -11.72
N PHE A 113 -13.97 4.48 -11.47
CA PHE A 113 -12.61 5.05 -11.40
C PHE A 113 -12.22 5.78 -12.69
N VAL A 114 -12.53 5.17 -13.83
CA VAL A 114 -12.13 5.73 -15.13
C VAL A 114 -13.16 6.72 -15.67
N LYS A 115 -14.28 6.87 -14.96
CA LYS A 115 -15.42 7.67 -15.44
C LYS A 115 -15.01 9.03 -15.99
N ASP A 116 -14.12 9.72 -15.28
CA ASP A 116 -13.62 10.98 -15.81
C ASP A 116 -12.09 10.93 -15.91
N TRP A 117 -11.60 9.94 -16.63
CA TRP A 117 -10.16 9.63 -16.65
C TRP A 117 -9.27 10.82 -17.06
N MET A 118 -9.56 11.46 -18.19
CA MET A 118 -8.71 12.58 -18.68
C MET A 118 -8.55 13.69 -17.63
N ASP A 119 -9.66 14.06 -16.99
CA ASP A 119 -9.63 15.05 -15.91
C ASP A 119 -8.74 14.60 -14.75
N ARG A 120 -8.82 13.31 -14.42
CA ARG A 120 -8.06 12.75 -13.31
C ARG A 120 -6.57 12.77 -13.63
N ILE A 121 -6.20 12.16 -14.76
CA ILE A 121 -4.78 12.03 -15.11
C ILE A 121 -4.12 13.39 -15.39
N GLU A 122 -4.89 14.35 -15.90
CA GLU A 122 -4.33 15.70 -16.12
C GLU A 122 -4.14 16.42 -14.79
N GLU A 123 -5.15 16.33 -13.91
CA GLU A 123 -5.03 16.88 -12.55
C GLU A 123 -3.80 16.28 -11.88
N PHE A 124 -3.67 14.97 -11.93
CA PHE A 124 -2.50 14.29 -11.37
C PHE A 124 -1.17 14.76 -11.94
N LEU A 125 -1.10 15.02 -13.24
CA LEU A 125 0.19 15.34 -13.87
C LEU A 125 0.57 16.81 -13.65
N ALA A 126 -0.43 17.67 -13.60
CA ALA A 126 -0.25 19.09 -13.29
C ALA A 126 0.06 19.33 -11.80
N ALA A 127 -0.11 18.31 -10.96
CA ALA A 127 0.25 18.44 -9.54
C ALA A 127 1.76 18.44 -9.33
N GLU A 128 2.18 19.00 -8.21
CA GLU A 128 3.60 19.06 -7.87
C GLU A 128 4.11 17.69 -7.48
N CYS A 129 5.29 17.34 -7.95
CA CYS A 129 5.86 16.04 -7.65
C CYS A 129 6.80 16.12 -6.45
N PRO A 130 6.53 15.31 -5.42
CA PRO A 130 7.35 15.31 -4.20
C PRO A 130 8.73 14.70 -4.41
N PHE A 131 9.06 14.24 -5.61
CA PHE A 131 10.37 13.63 -5.84
C PHE A 131 11.20 14.45 -6.81
N LEU A 132 10.66 15.61 -7.18
CA LEU A 132 11.44 16.60 -7.89
C LEU A 132 11.70 17.70 -6.90
N PRO A 133 12.97 17.89 -6.53
CA PRO A 133 13.22 19.08 -5.73
C PRO A 133 13.41 20.28 -6.64
N LYS A 134 12.79 21.45 -6.40
CA LYS A 134 11.85 21.80 -5.32
C LYS A 134 11.69 22.96 -6.27
N PRO A 135 10.49 23.59 -6.30
CA PRO A 135 10.25 24.85 -7.01
C PRO A 135 11.05 26.07 -6.53
N LYS A 136 10.95 26.42 -5.24
CA LYS A 136 11.55 27.65 -4.71
C LYS A 136 10.90 28.56 -5.76
N VAL A 137 11.75 29.18 -6.58
CA VAL A 137 11.27 30.13 -7.58
C VAL A 137 10.05 29.54 -8.30
N ALA A 138 8.91 30.21 -8.18
CA ALA A 138 7.64 29.69 -8.69
C ALA A 138 7.47 29.79 -10.22
N SER A 139 8.56 30.11 -10.93
CA SER A 139 8.53 30.26 -12.38
C SER A 139 9.21 29.07 -13.09
N GLU A 140 9.93 28.26 -12.31
CA GLU A 140 10.39 26.97 -12.79
C GLU A 140 9.29 25.94 -12.50
N ALA A 141 8.13 26.44 -12.09
CA ALA A 141 7.02 25.61 -11.61
C ALA A 141 6.64 24.49 -12.56
N PHE A 142 6.85 24.70 -13.86
CA PHE A 142 6.59 23.65 -14.85
C PHE A 142 7.58 22.48 -14.72
N MET A 143 8.75 22.74 -14.14
CA MET A 143 9.78 21.71 -13.96
C MET A 143 9.59 20.83 -12.72
N SER A 144 8.64 21.18 -11.86
CA SER A 144 8.47 20.40 -10.63
C SER A 144 7.16 19.65 -10.57
N THR A 145 6.55 19.41 -11.71
CA THR A 145 5.26 18.73 -11.75
C THR A 145 5.45 17.24 -12.02
N ASN A 146 4.46 16.44 -11.63
CA ASN A 146 4.42 15.02 -11.96
C ASN A 146 4.63 14.76 -13.48
N LYS A 147 4.11 15.67 -14.31
CA LYS A 147 4.29 15.57 -15.76
C LYS A 147 5.76 15.56 -16.14
N MET A 148 6.54 16.43 -15.50
CA MET A 148 7.99 16.46 -15.68
C MET A 148 8.60 15.16 -15.17
N TYR A 149 8.08 14.64 -14.06
CA TYR A 149 8.61 13.38 -13.55
C TYR A 149 8.38 12.26 -14.56
N PHE A 150 7.24 12.31 -15.24
CA PHE A 150 6.84 11.29 -16.20
C PHE A 150 7.67 11.41 -17.50
N LEU A 151 8.06 12.63 -17.86
CA LEU A 151 8.97 12.84 -19.01
C LEU A 151 10.34 12.20 -18.70
N ASN A 152 10.87 12.47 -17.51
CA ASN A 152 12.09 11.81 -17.05
C ASN A 152 12.00 10.30 -17.09
N ARG A 153 10.84 9.77 -16.68
CA ARG A 153 10.60 8.34 -16.61
C ARG A 153 10.52 7.72 -18.00
N GLN A 154 9.78 8.39 -18.88
CA GLN A 154 9.67 8.01 -20.28
C GLN A 154 11.02 7.85 -20.95
N ARG A 155 11.92 8.81 -20.73
CA ARG A 155 13.25 8.71 -21.33
C ARG A 155 14.03 7.60 -20.66
N GLN A 156 13.76 7.36 -19.38
CA GLN A 156 14.41 6.27 -18.68
C GLN A 156 13.98 4.91 -19.24
N VAL A 157 12.67 4.63 -19.33
CA VAL A 157 12.25 3.31 -19.81
C VAL A 157 12.64 3.05 -21.25
N ASN A 158 12.75 4.12 -22.05
CA ASN A 158 13.22 3.98 -23.44
C ASN A 158 14.50 3.16 -23.55
N GLU A 159 15.27 3.09 -22.47
CA GLU A 159 16.53 2.34 -22.44
C GLU A 159 16.32 0.84 -22.20
N SER A 160 15.10 0.46 -21.82
CA SER A 160 14.84 -0.92 -21.41
C SER A 160 14.01 -1.72 -22.44
N LYS A 161 13.90 -1.19 -23.66
CA LYS A 161 13.12 -1.78 -24.74
C LYS A 161 13.71 -3.08 -25.28
N VAL A 162 12.83 -4.02 -25.57
CA VAL A 162 13.21 -5.27 -26.23
C VAL A 162 12.66 -5.24 -27.67
N GLN A 163 13.43 -5.79 -28.61
CA GLN A 163 13.08 -5.72 -30.03
C GLN A 163 11.71 -6.35 -30.36
N ASP A 164 11.42 -7.52 -29.79
CA ASP A 164 10.16 -8.21 -30.08
C ASP A 164 8.93 -7.34 -29.82
N ILE A 165 8.99 -6.56 -28.74
CA ILE A 165 7.87 -5.67 -28.39
C ILE A 165 7.92 -4.37 -29.20
N ILE A 166 9.13 -3.89 -29.51
CA ILE A 166 9.28 -2.79 -30.46
C ILE A 166 8.66 -3.15 -31.81
N ASP A 167 8.94 -4.37 -32.28
CA ASP A 167 8.39 -4.87 -33.53
C ASP A 167 6.86 -4.95 -33.46
N LEU A 168 6.35 -5.41 -32.32
CA LEU A 168 4.91 -5.55 -32.14
C LEU A 168 4.24 -4.19 -32.23
N ILE A 169 4.75 -3.23 -31.47
CA ILE A 169 4.20 -1.88 -31.46
C ILE A 169 4.18 -1.30 -32.88
N ASP A 170 5.29 -1.45 -33.59
CA ASP A 170 5.40 -0.87 -34.92
C ASP A 170 4.40 -1.52 -35.88
N HIS A 171 4.26 -2.85 -35.79
CA HIS A 171 3.27 -3.55 -36.61
C HIS A 171 1.83 -3.10 -36.31
N ALA A 172 1.52 -2.97 -35.02
CA ALA A 172 0.16 -2.62 -34.59
C ALA A 172 -0.28 -1.23 -35.06
N GLU A 173 0.65 -0.29 -35.10
CA GLU A 173 0.31 1.07 -35.49
C GLU A 173 -0.17 1.17 -36.94
N THR A 174 0.27 0.23 -37.76
CA THR A 174 -0.12 0.22 -39.16
C THR A 174 -1.42 -0.54 -39.36
N GLU A 175 -1.94 -1.08 -38.28
CA GLU A 175 -3.15 -1.87 -38.31
C GLU A 175 -4.29 -1.20 -37.55
N SER A 176 -5.26 -2.00 -37.11
CA SER A 176 -6.42 -1.43 -36.45
C SER A 176 -6.25 -1.25 -34.94
N ALA A 177 -5.00 -1.25 -34.47
CA ALA A 177 -4.77 -1.04 -33.04
C ALA A 177 -5.04 0.42 -32.69
N THR A 178 -5.50 0.66 -31.46
CA THR A 178 -5.63 2.03 -30.98
C THR A 178 -4.60 2.31 -29.86
N LEU A 179 -3.33 2.27 -30.25
CA LEU A 179 -2.21 2.51 -29.34
C LEU A 179 -2.15 3.97 -28.88
N PHE A 180 -1.25 4.23 -27.94
CA PHE A 180 -1.03 5.57 -27.40
C PHE A 180 0.43 5.66 -27.02
N THR A 181 0.96 6.87 -26.91
CA THR A 181 2.35 7.05 -26.52
C THR A 181 2.48 7.79 -25.18
N GLU A 182 1.38 8.40 -24.74
CA GLU A 182 1.37 9.16 -23.51
C GLU A 182 0.26 8.67 -22.57
N ILE A 183 0.41 8.86 -21.26
CA ILE A 183 -0.62 8.37 -20.34
C ILE A 183 -1.85 9.25 -20.36
N ALA A 184 -1.69 10.55 -20.56
CA ALA A 184 -2.84 11.44 -20.54
C ALA A 184 -3.58 11.39 -21.89
N THR A 185 -4.19 10.22 -22.13
CA THR A 185 -5.02 9.93 -23.28
C THR A 185 -6.24 9.18 -22.76
N PRO A 186 -7.40 9.30 -23.46
CA PRO A 186 -8.66 8.79 -22.91
C PRO A 186 -8.67 7.27 -22.71
N HIS A 187 -7.75 6.58 -23.37
CA HIS A 187 -7.82 5.14 -23.51
C HIS A 187 -6.65 4.39 -22.85
N SER A 188 -5.66 5.12 -22.32
CA SER A 188 -4.49 4.47 -21.72
C SER A 188 -4.90 3.53 -20.59
N VAL A 189 -5.85 3.96 -19.76
CA VAL A 189 -6.23 3.20 -18.58
C VAL A 189 -7.05 1.95 -18.98
N TRP A 190 -7.62 1.97 -20.19
CA TRP A 190 -8.52 0.90 -20.60
C TRP A 190 -7.79 -0.39 -20.99
N VAL A 191 -6.47 -0.35 -21.11
CA VAL A 191 -5.74 -1.59 -21.32
C VAL A 191 -5.86 -2.55 -20.11
N PHE A 192 -6.28 -2.04 -18.95
CA PHE A 192 -6.40 -2.93 -17.78
C PHE A 192 -7.86 -3.39 -17.51
N ALA A 193 -8.80 -2.93 -18.33
CA ALA A 193 -10.22 -3.23 -18.14
C ALA A 193 -10.51 -4.73 -18.12
N CYS A 194 -9.72 -5.50 -18.86
CA CYS A 194 -9.92 -6.95 -18.90
C CYS A 194 -9.00 -7.70 -17.96
N ALA A 195 -8.43 -6.97 -17.01
CA ALA A 195 -7.61 -7.58 -15.99
C ALA A 195 -6.47 -8.39 -16.58
N PRO A 196 -5.59 -7.76 -17.38
CA PRO A 196 -4.43 -8.52 -17.87
C PRO A 196 -3.52 -8.92 -16.72
N ASP A 197 -2.91 -10.10 -16.80
CA ASP A 197 -2.10 -10.58 -15.70
C ASP A 197 -0.71 -9.90 -15.64
N ARG A 198 -0.47 -8.98 -16.57
CA ARG A 198 0.77 -8.20 -16.63
C ARG A 198 0.47 -6.97 -17.51
N CYS A 199 1.35 -5.97 -17.51
CA CYS A 199 1.20 -4.84 -18.43
C CYS A 199 1.12 -5.33 -19.87
N PRO A 200 0.10 -4.89 -20.63
CA PRO A 200 0.13 -5.32 -22.02
C PRO A 200 1.43 -4.89 -22.74
N PRO A 201 2.00 -5.81 -23.54
CA PRO A 201 3.23 -5.61 -24.32
C PRO A 201 3.30 -4.22 -24.92
N THR A 202 2.25 -3.84 -25.66
CA THR A 202 2.23 -2.60 -26.42
C THR A 202 2.18 -1.33 -25.56
N ALA A 203 2.03 -1.50 -24.25
CA ALA A 203 1.88 -0.36 -23.36
C ALA A 203 3.11 -0.22 -22.45
N LEU A 204 3.95 -1.25 -22.46
CA LEU A 204 5.08 -1.39 -21.54
C LEU A 204 5.99 -0.16 -21.43
N TYR A 205 6.06 0.61 -22.52
CA TYR A 205 7.01 1.73 -22.68
C TYR A 205 6.30 3.08 -22.71
N VAL A 206 5.04 3.12 -22.32
CA VAL A 206 4.41 4.41 -22.05
C VAL A 206 4.61 4.71 -20.57
N ALA A 207 5.16 5.89 -20.27
CA ALA A 207 5.54 6.20 -18.90
C ALA A 207 4.34 6.12 -17.96
N GLY A 208 4.55 5.41 -16.85
CA GLY A 208 3.57 5.36 -15.78
C GLY A 208 2.39 4.43 -16.02
N VAL A 209 2.32 3.84 -17.21
CA VAL A 209 1.20 2.92 -17.52
C VAL A 209 1.35 1.52 -16.90
N PRO A 210 2.53 0.89 -16.98
CA PRO A 210 2.65 -0.39 -16.24
C PRO A 210 2.48 -0.22 -14.72
N GLU A 211 2.77 0.97 -14.21
CA GLU A 211 2.63 1.23 -12.76
C GLU A 211 1.15 1.41 -12.41
N LEU A 212 0.36 1.85 -13.39
CA LEU A 212 -1.09 1.95 -13.27
C LEU A 212 -1.71 0.56 -13.04
N GLY A 213 -1.25 -0.42 -13.81
CA GLY A 213 -1.67 -1.78 -13.62
C GLY A 213 -1.33 -2.24 -12.21
N ALA A 214 -0.13 -1.90 -11.75
CA ALA A 214 0.28 -2.29 -10.40
C ALA A 214 -0.66 -1.68 -9.35
N PHE A 215 -1.09 -0.45 -9.60
CA PHE A 215 -1.97 0.28 -8.71
C PHE A 215 -3.27 -0.50 -8.54
N PHE A 216 -3.90 -0.85 -9.67
CA PHE A 216 -5.09 -1.68 -9.67
C PHE A 216 -4.85 -3.01 -8.96
N SER A 217 -3.69 -3.62 -9.18
CA SER A 217 -3.41 -4.92 -8.56
C SER A 217 -3.39 -4.79 -7.02
N ILE A 218 -2.86 -3.66 -6.53
CA ILE A 218 -2.82 -3.44 -5.10
C ILE A 218 -4.22 -3.22 -4.54
N LEU A 219 -5.07 -2.53 -5.31
CA LEU A 219 -6.46 -2.34 -4.91
C LEU A 219 -7.16 -3.70 -4.75
N GLN A 220 -6.88 -4.60 -5.68
CA GLN A 220 -7.40 -5.97 -5.59
C GLN A 220 -7.01 -6.64 -4.28
N ASP A 221 -5.74 -6.53 -3.89
CA ASP A 221 -5.28 -7.09 -2.63
C ASP A 221 -5.97 -6.37 -1.47
N MET A 222 -6.09 -5.06 -1.57
CA MET A 222 -6.76 -4.28 -0.56
C MET A 222 -8.22 -4.75 -0.36
N ARG A 223 -8.92 -4.95 -1.47
CA ARG A 223 -10.28 -5.45 -1.41
C ARG A 223 -10.28 -6.82 -0.77
N ASN A 224 -9.35 -7.66 -1.18
CA ASN A 224 -9.24 -9.00 -0.59
C ASN A 224 -9.06 -8.95 0.92
N THR A 225 -8.18 -8.06 1.36
CA THR A 225 -7.98 -7.86 2.79
C THR A 225 -9.26 -7.45 3.50
N ILE A 226 -9.96 -6.47 2.93
CA ILE A 226 -11.21 -5.99 3.48
C ILE A 226 -12.30 -7.08 3.50
N MET A 227 -12.50 -7.77 2.38
CA MET A 227 -13.45 -8.87 2.32
C MET A 227 -13.12 -9.98 3.32
N ALA A 228 -11.83 -10.21 3.56
CA ALA A 228 -11.40 -11.34 4.37
C ALA A 228 -11.78 -11.15 5.83
N SER A 229 -11.58 -9.93 6.32
CA SER A 229 -11.85 -9.59 7.71
C SER A 229 -13.28 -9.90 8.16
N LYS A 230 -14.23 -9.87 7.23
CA LYS A 230 -15.64 -10.11 7.55
C LYS A 230 -16.22 -11.34 6.86
N SER A 231 -15.49 -12.44 6.89
CA SER A 231 -15.94 -13.66 6.25
C SER A 231 -15.63 -14.85 7.15
N VAL A 232 -16.39 -15.91 6.98
CA VAL A 232 -16.33 -17.04 7.87
C VAL A 232 -15.09 -17.78 7.54
N GLY A 233 -14.21 -17.86 8.51
CA GLY A 233 -12.85 -18.26 8.27
C GLY A 233 -12.20 -19.11 9.32
N THR A 234 -11.93 -20.34 8.94
CA THR A 234 -11.14 -21.23 9.74
C THR A 234 -10.32 -19.97 9.94
N ALA A 235 -9.79 -19.81 11.15
CA ALA A 235 -8.79 -18.79 11.43
C ALA A 235 -7.50 -18.78 10.59
N GLU A 236 -7.25 -19.91 9.94
CA GLU A 236 -6.13 -20.00 9.04
C GLU A 236 -6.68 -19.71 7.67
N GLU A 237 -7.29 -20.74 7.06
CA GLU A 237 -7.92 -20.71 5.73
C GLU A 237 -8.34 -19.31 5.34
N LYS A 238 -8.33 -18.45 6.36
CA LYS A 238 -8.37 -17.01 6.15
C LYS A 238 -7.05 -16.40 5.65
N LEU A 239 -5.96 -16.95 6.15
CA LEU A 239 -4.64 -16.50 5.79
C LEU A 239 -4.13 -17.35 4.65
N LYS A 240 -4.57 -18.59 4.58
CA LYS A 240 -4.14 -19.46 3.51
C LYS A 240 -4.60 -19.38 2.10
N LYS A 241 -5.63 -18.55 1.89
CA LYS A 241 -6.28 -18.40 0.57
C LYS A 241 -6.39 -16.89 0.38
N LYS A 242 -5.37 -16.21 0.86
CA LYS A 242 -5.23 -14.80 0.83
C LYS A 242 -4.93 -14.49 -0.60
N SER A 243 -4.55 -13.27 -0.94
CA SER A 243 -4.22 -12.95 -2.32
C SER A 243 -2.87 -12.32 -2.46
N ALA A 244 -2.28 -12.50 -3.62
CA ALA A 244 -1.03 -11.87 -3.97
C ALA A 244 -1.13 -11.31 -5.39
N PHE A 245 -2.10 -10.44 -5.63
CA PHE A 245 -2.30 -9.91 -6.96
C PHE A 245 -1.12 -9.05 -7.39
N TYR A 246 -0.65 -8.22 -6.47
CA TYR A 246 0.39 -7.27 -6.78
C TYR A 246 1.71 -7.98 -7.08
N GLN A 247 2.11 -8.88 -6.21
CA GLN A 247 3.31 -9.69 -6.42
C GLN A 247 3.23 -10.44 -7.73
N SER A 248 2.02 -10.85 -8.09
CA SER A 248 1.80 -11.54 -9.37
C SER A 248 2.03 -10.61 -10.57
N TYR A 249 1.34 -9.49 -10.57
CA TYR A 249 1.48 -8.50 -11.61
C TYR A 249 2.91 -8.01 -11.70
N LEU A 250 3.55 -7.82 -10.56
CA LEU A 250 4.92 -7.29 -10.47
C LEU A 250 5.92 -8.22 -11.13
N ARG A 251 5.98 -9.45 -10.61
CA ARG A 251 6.81 -10.51 -11.17
C ARG A 251 6.61 -10.65 -12.68
N ARG A 252 5.37 -10.79 -13.13
CA ARG A 252 5.12 -11.02 -14.55
C ARG A 252 5.43 -9.83 -15.44
N THR A 253 5.17 -8.62 -14.96
CA THR A 253 5.43 -7.45 -15.79
C THR A 253 6.93 -7.21 -15.89
N GLN A 254 7.63 -7.35 -14.77
CA GLN A 254 9.06 -7.10 -14.80
C GLN A 254 9.80 -8.19 -15.55
N SER A 255 9.19 -9.36 -15.71
CA SER A 255 9.79 -10.43 -16.53
C SER A 255 9.81 -10.05 -18.01
N MET A 256 9.14 -8.95 -18.34
CA MET A 256 9.12 -8.49 -19.72
C MET A 256 10.26 -7.51 -19.98
N GLY A 257 11.13 -7.34 -18.99
CA GLY A 257 12.38 -6.62 -19.21
C GLY A 257 12.29 -5.14 -18.85
N ILE A 258 11.40 -4.81 -17.92
CA ILE A 258 11.26 -3.46 -17.41
C ILE A 258 11.20 -3.57 -15.88
N GLN A 259 11.73 -2.58 -15.18
CA GLN A 259 11.52 -2.48 -13.72
C GLN A 259 10.50 -1.39 -13.45
N LEU A 260 9.53 -1.68 -12.58
CA LEU A 260 8.49 -0.68 -12.31
C LEU A 260 9.04 0.45 -11.44
N ASP A 261 8.60 1.67 -11.71
CA ASP A 261 8.89 2.82 -10.86
C ASP A 261 7.99 2.78 -9.60
N GLN A 262 8.54 2.27 -8.50
CA GLN A 262 7.82 2.19 -7.24
C GLN A 262 7.30 3.54 -6.77
N LYS A 263 7.97 4.61 -7.18
CA LYS A 263 7.61 5.93 -6.70
C LYS A 263 6.35 6.42 -7.39
N ILE A 264 6.18 6.00 -8.64
CA ILE A 264 4.98 6.31 -9.35
C ILE A 264 3.82 5.53 -8.73
N ILE A 265 4.07 4.26 -8.43
CA ILE A 265 3.08 3.41 -7.78
C ILE A 265 2.64 4.02 -6.47
N ILE A 266 3.60 4.50 -5.67
CA ILE A 266 3.27 5.19 -4.45
C ILE A 266 2.46 6.46 -4.70
N LEU A 267 2.80 7.24 -5.73
CA LEU A 267 2.01 8.46 -5.97
C LEU A 267 0.57 8.16 -6.43
N TYR A 268 0.38 7.05 -7.14
CA TYR A 268 -0.96 6.65 -7.57
C TYR A 268 -1.79 6.30 -6.35
N MET A 269 -1.23 5.39 -5.56
CA MET A 269 -1.94 4.85 -4.42
C MET A 269 -2.30 5.97 -3.46
N LEU A 270 -1.39 6.90 -3.23
CA LEU A 270 -1.67 7.94 -2.24
C LEU A 270 -2.54 9.06 -2.79
N SER A 271 -2.52 9.25 -4.11
CA SER A 271 -3.41 10.24 -4.72
C SER A 271 -4.84 9.75 -4.84
N TRP A 272 -4.98 8.48 -5.20
CA TRP A 272 -6.26 7.94 -5.67
C TRP A 272 -6.84 6.85 -4.76
N GLY A 273 -6.03 6.33 -3.83
CA GLY A 273 -6.42 5.17 -3.05
C GLY A 273 -7.68 5.36 -2.24
N LYS A 274 -7.75 6.46 -1.50
CA LYS A 274 -8.85 6.69 -0.57
C LYS A 274 -10.18 6.64 -1.31
N GLU A 275 -10.29 7.38 -2.41
CA GLU A 275 -11.57 7.43 -3.12
C GLU A 275 -11.84 6.13 -3.87
N ALA A 276 -10.80 5.44 -4.29
CA ALA A 276 -11.02 4.16 -4.95
C ALA A 276 -11.66 3.16 -3.99
N VAL A 277 -11.21 3.17 -2.73
CA VAL A 277 -11.73 2.20 -1.78
C VAL A 277 -13.24 2.39 -1.60
N ASN A 278 -13.69 3.65 -1.59
CA ASN A 278 -15.11 3.98 -1.51
C ASN A 278 -15.97 3.39 -2.60
N HIS A 279 -15.36 2.81 -3.63
CA HIS A 279 -16.15 2.26 -4.74
C HIS A 279 -15.90 0.77 -4.92
N PHE A 280 -15.24 0.16 -3.94
CA PHE A 280 -15.10 -1.28 -3.96
C PHE A 280 -16.49 -1.91 -3.88
N HIS A 281 -16.70 -3.04 -4.55
CA HIS A 281 -17.88 -3.86 -4.28
C HIS A 281 -17.53 -4.74 -3.07
N LEU A 282 -18.21 -4.50 -1.94
CA LEU A 282 -17.90 -5.20 -0.68
C LEU A 282 -19.28 -5.64 -0.24
N GLY A 283 -19.59 -6.93 -0.36
CA GLY A 283 -19.20 -7.65 -1.55
C GLY A 283 -20.70 -7.48 -1.72
N ASP A 284 -21.41 -8.24 -0.89
CA ASP A 284 -22.75 -8.85 -0.93
C ASP A 284 -23.43 -9.02 -2.28
N SER B 1 7.18 -12.01 24.95
CA SER B 1 8.53 -12.41 25.34
C SER B 1 8.93 -11.72 26.65
N ALA B 2 9.17 -10.42 26.60
CA ALA B 2 9.62 -9.67 27.77
C ALA B 2 8.54 -9.54 28.83
N ASP B 3 8.96 -9.24 30.06
CA ASP B 3 8.01 -8.96 31.13
C ASP B 3 7.79 -7.46 31.22
N TRP B 4 6.80 -6.96 30.50
CA TRP B 4 6.53 -5.53 30.52
C TRP B 4 6.08 -5.08 31.91
N LYS B 5 5.37 -5.93 32.64
CA LYS B 5 4.91 -5.55 33.98
C LYS B 5 6.09 -5.28 34.92
N ALA B 6 7.09 -6.15 34.89
CA ALA B 6 8.22 -6.03 35.80
C ALA B 6 9.10 -4.88 35.38
N ILE B 7 9.66 -4.98 34.17
CA ILE B 7 10.43 -3.91 33.53
C ILE B 7 9.80 -2.53 33.78
N GLY B 8 8.49 -2.46 33.65
CA GLY B 8 7.76 -1.22 33.87
C GLY B 8 7.78 -0.73 35.30
N ALA B 9 7.66 -1.64 36.27
CA ALA B 9 7.70 -1.26 37.69
C ALA B 9 9.06 -0.64 38.03
N TYR B 10 10.12 -1.21 37.47
CA TYR B 10 11.47 -0.68 37.64
C TYR B 10 11.52 0.79 37.21
N ILE B 11 11.28 1.04 35.92
CA ILE B 11 11.30 2.38 35.35
C ILE B 11 10.43 3.37 36.14
N LEU B 12 9.25 2.92 36.57
CA LEU B 12 8.32 3.79 37.30
C LEU B 12 8.79 4.19 38.70
N GLY B 13 9.79 3.49 39.23
CA GLY B 13 10.38 3.88 40.50
C GLY B 13 11.27 5.11 40.40
N PHE B 14 11.65 5.48 39.17
CA PHE B 14 12.56 6.60 38.95
C PHE B 14 11.85 7.92 38.70
N ALA B 15 12.60 9.01 38.83
CA ALA B 15 12.05 10.34 38.62
C ALA B 15 11.92 10.60 37.13
N ILE B 16 10.85 11.28 36.76
CA ILE B 16 10.55 11.58 35.36
C ILE B 16 11.74 12.16 34.59
N PRO B 17 12.48 13.13 35.16
CA PRO B 17 13.60 13.66 34.37
C PRO B 17 14.70 12.67 34.07
N ILE B 18 15.01 11.72 34.95
CA ILE B 18 16.14 10.85 34.60
C ILE B 18 15.69 9.87 33.53
N ILE B 19 14.40 9.54 33.51
CA ILE B 19 13.84 8.66 32.47
C ILE B 19 13.89 9.32 31.10
N LEU B 20 13.43 10.57 31.03
CA LEU B 20 13.41 11.31 29.77
C LEU B 20 14.80 11.57 29.22
N LYS B 21 15.76 11.82 30.12
CA LYS B 21 17.14 12.00 29.70
C LYS B 21 17.69 10.71 29.12
N ALA B 22 17.41 9.60 29.80
CA ALA B 22 17.73 8.28 29.26
C ALA B 22 17.10 8.11 27.88
N LEU B 23 15.80 8.39 27.83
CA LEU B 23 15.01 8.26 26.61
C LEU B 23 15.63 9.11 25.53
N TYR B 24 15.85 10.39 25.83
CA TYR B 24 16.46 11.30 24.85
C TYR B 24 17.78 10.76 24.35
N MET B 25 18.63 10.33 25.28
CA MET B 25 19.99 9.92 24.93
C MET B 25 19.97 8.64 24.12
N LEU B 26 19.02 7.76 24.40
CA LEU B 26 18.89 6.52 23.66
C LEU B 26 18.22 6.75 22.30
N SER B 27 17.13 7.52 22.29
CA SER B 27 16.38 7.77 21.06
C SER B 27 17.17 8.54 20.03
N THR B 28 18.16 9.31 20.47
CA THR B 28 19.06 10.02 19.55
C THR B 28 20.26 9.16 19.15
N ARG B 29 20.85 8.47 20.13
CA ARG B 29 22.12 7.77 19.93
C ARG B 29 22.01 6.29 20.29
N THR B 40 29.02 -3.95 29.39
CA THR B 40 27.75 -4.55 29.02
C THR B 40 26.60 -3.88 29.79
N ARG B 41 26.81 -2.63 30.15
CA ARG B 41 25.78 -1.86 30.86
C ARG B 41 25.86 -0.37 30.53
N ILE B 42 24.71 0.30 30.59
CA ILE B 42 24.63 1.74 30.44
C ILE B 42 24.02 2.35 31.69
N ARG B 43 24.65 3.40 32.20
CA ARG B 43 24.24 4.03 33.45
C ARG B 43 23.85 5.49 33.21
N PHE B 44 22.67 5.87 33.68
CA PHE B 44 22.25 7.26 33.56
C PHE B 44 22.13 7.88 34.94
N LYS B 45 22.36 9.18 35.02
CA LYS B 45 22.24 9.88 36.28
C LYS B 45 21.68 11.27 36.06
N ASP B 46 20.97 11.75 37.07
CA ASP B 46 20.37 13.07 37.04
C ASP B 46 20.09 13.54 38.46
N ASP B 47 20.09 14.86 38.65
CA ASP B 47 19.89 15.43 39.98
C ASP B 47 18.46 15.27 40.50
N SER B 48 17.61 14.59 39.74
CA SER B 48 16.23 14.30 40.14
C SER B 48 16.12 12.95 40.83
N SER B 49 17.08 12.08 40.49
CA SER B 49 17.05 10.68 40.85
C SER B 49 18.12 10.39 41.89
N PHE B 50 17.70 10.14 43.12
CA PHE B 50 18.62 9.87 44.21
C PHE B 50 17.91 9.15 45.36
N GLU B 51 18.67 8.84 46.42
CA GLU B 51 18.13 8.28 47.66
C GLU B 51 18.72 9.00 48.85
N GLU B 52 17.98 9.01 49.95
CA GLU B 52 18.55 9.51 51.20
C GLU B 52 19.16 8.36 51.96
N VAL B 53 20.48 8.31 52.01
CA VAL B 53 21.17 7.36 52.86
C VAL B 53 21.71 8.15 54.04
N ASN B 54 20.96 8.10 55.14
CA ASN B 54 21.24 8.87 56.35
C ASN B 54 21.18 10.31 55.87
N GLY B 55 22.15 11.11 56.28
CA GLY B 55 22.19 12.49 55.87
C GLY B 55 22.30 12.82 54.39
N ILE B 56 23.06 12.01 53.66
CA ILE B 56 23.49 12.35 52.31
C ILE B 56 22.55 11.88 51.20
N ARG B 57 22.40 12.71 50.17
CA ARG B 57 21.75 12.27 48.95
C ARG B 57 22.68 11.37 48.19
N LYS B 58 22.26 10.14 47.94
CA LYS B 58 23.05 9.23 47.13
C LYS B 58 22.35 9.08 45.78
N PRO B 59 23.05 9.41 44.68
CA PRO B 59 22.44 9.35 43.36
C PRO B 59 21.91 7.95 43.03
N LYS B 60 20.66 7.92 42.57
CA LYS B 60 20.04 6.69 42.11
C LYS B 60 20.21 6.63 40.59
N HIS B 61 20.98 5.65 40.13
CA HIS B 61 21.33 5.54 38.71
C HIS B 61 20.34 4.69 37.93
N LEU B 62 19.98 5.15 36.73
CA LEU B 62 19.13 4.38 35.85
C LEU B 62 19.99 3.48 34.99
N TYR B 63 19.74 2.17 35.06
CA TYR B 63 20.55 1.19 34.35
C TYR B 63 19.78 0.51 33.22
N VAL B 64 20.48 0.23 32.13
CA VAL B 64 19.93 -0.46 30.98
C VAL B 64 20.98 -1.46 30.43
N SER B 65 20.64 -2.75 30.40
CA SER B 65 21.60 -3.79 29.98
C SER B 65 21.66 -3.98 28.45
N MET B 66 22.55 -4.88 28.01
CA MET B 66 22.76 -5.15 26.58
C MET B 66 21.97 -6.35 26.05
N LYS B 74 17.20 -12.20 28.80
CA LYS B 74 16.29 -12.67 29.83
C LYS B 74 14.98 -11.90 29.80
N ALA B 75 13.99 -12.36 30.57
CA ALA B 75 12.63 -11.82 30.49
C ALA B 75 12.49 -10.46 31.16
N GLU B 76 13.23 -10.24 32.25
CA GLU B 76 13.11 -9.01 33.01
C GLU B 76 14.24 -8.02 32.67
N GLU B 77 15.14 -8.43 31.76
CA GLU B 77 16.25 -7.57 31.40
C GLU B 77 15.74 -6.32 30.69
N ILE B 78 16.23 -5.16 31.13
CA ILE B 78 15.85 -3.89 30.53
C ILE B 78 16.85 -3.50 29.44
N THR B 79 16.56 -3.97 28.22
CA THR B 79 17.35 -3.62 27.05
C THR B 79 17.00 -2.18 26.64
N PRO B 80 17.89 -1.50 25.89
CA PRO B 80 17.59 -0.13 25.48
C PRO B 80 16.27 -0.01 24.74
N GLY B 81 16.02 -0.92 23.81
CA GLY B 81 14.78 -0.95 23.05
C GLY B 81 13.57 -1.29 23.90
N ARG B 82 13.76 -2.10 24.93
CA ARG B 82 12.68 -2.42 25.85
C ARG B 82 12.35 -1.20 26.67
N PHE B 83 13.39 -0.43 27.01
CA PHE B 83 13.23 0.82 27.74
C PHE B 83 12.50 1.89 26.90
N ARG B 84 12.91 2.07 25.64
CA ARG B 84 12.25 3.06 24.77
C ARG B 84 10.78 2.71 24.61
N THR B 85 10.50 1.44 24.36
CA THR B 85 9.15 0.96 24.08
C THR B 85 8.23 1.25 25.27
N ILE B 86 8.64 0.84 26.46
CA ILE B 86 7.84 1.08 27.65
C ILE B 86 7.74 2.56 27.97
N ALA B 87 8.87 3.26 28.00
CA ALA B 87 8.88 4.64 28.47
C ALA B 87 8.12 5.58 27.54
N CYS B 88 8.18 5.36 26.23
CA CYS B 88 7.50 6.26 25.30
C CYS B 88 5.99 6.11 25.50
N GLY B 89 5.57 4.93 25.92
CA GLY B 89 4.18 4.70 26.24
C GLY B 89 3.76 5.39 27.53
N LEU B 90 4.63 5.37 28.54
CA LEU B 90 4.29 5.87 29.88
C LEU B 90 4.31 7.40 30.00
N PHE B 91 5.19 8.06 29.25
CA PHE B 91 5.31 9.53 29.40
C PHE B 91 5.20 10.32 28.10
N PRO B 92 4.13 10.09 27.31
CA PRO B 92 4.07 10.80 26.03
C PRO B 92 3.81 12.29 26.23
N ALA B 93 3.07 12.67 27.27
CA ALA B 93 2.87 14.09 27.56
C ALA B 93 4.22 14.76 27.79
N GLN B 94 5.08 14.08 28.54
CA GLN B 94 6.41 14.60 28.86
C GLN B 94 7.31 14.58 27.65
N VAL B 95 7.17 13.54 26.83
CA VAL B 95 7.97 13.44 25.61
C VAL B 95 7.60 14.57 24.67
N LYS B 96 6.30 14.84 24.53
CA LYS B 96 5.88 15.94 23.70
C LYS B 96 6.42 17.28 24.22
N ALA B 97 6.20 17.56 25.51
CA ALA B 97 6.62 18.82 26.13
C ALA B 97 8.11 19.13 25.96
N ARG B 98 8.94 18.10 25.87
CA ARG B 98 10.38 18.29 25.68
C ARG B 98 10.81 18.17 24.22
N ASN B 99 9.84 17.91 23.34
CA ASN B 99 10.06 17.67 21.92
C ASN B 99 11.09 16.61 21.57
N ILE B 100 11.10 15.54 22.35
CA ILE B 100 11.99 14.43 22.04
C ILE B 100 11.44 13.69 20.82
N ILE B 101 12.15 13.80 19.70
CA ILE B 101 11.79 13.06 18.50
C ILE B 101 12.99 12.32 17.96
N SER B 102 12.92 10.99 18.00
CA SER B 102 13.97 10.13 17.44
C SER B 102 14.20 10.45 15.95
N PRO B 103 15.47 10.50 15.52
CA PRO B 103 15.80 10.79 14.12
C PRO B 103 15.13 9.84 13.15
N VAL B 104 14.88 8.61 13.59
CA VAL B 104 14.18 7.62 12.79
C VAL B 104 12.76 8.09 12.42
N MET B 105 12.12 8.80 13.34
CA MET B 105 10.82 9.40 13.08
C MET B 105 10.96 10.79 12.46
N GLY B 106 12.04 11.48 12.79
CA GLY B 106 12.26 12.80 12.24
C GLY B 106 12.30 12.78 10.74
N VAL B 107 12.90 11.74 10.17
CA VAL B 107 13.11 11.71 8.74
C VAL B 107 11.84 11.38 7.96
N ILE B 108 10.81 10.85 8.64
CA ILE B 108 9.52 10.66 7.96
C ILE B 108 8.57 11.79 8.33
N GLY B 109 9.13 12.87 8.89
CA GLY B 109 8.36 14.09 9.13
C GLY B 109 7.41 14.04 10.32
N PHE B 110 7.79 13.30 11.35
CA PHE B 110 6.95 13.11 12.53
C PHE B 110 6.53 14.42 13.17
N GLY B 111 7.51 15.30 13.36
CA GLY B 111 7.29 16.60 13.97
C GLY B 111 6.19 17.41 13.30
N PHE B 112 6.28 17.53 11.97
CA PHE B 112 5.26 18.23 11.21
C PHE B 112 3.95 17.44 11.21
N PHE B 113 4.05 16.11 11.09
CA PHE B 113 2.84 15.29 11.05
C PHE B 113 1.96 15.47 12.28
N VAL B 114 2.57 15.50 13.46
CA VAL B 114 1.77 15.53 14.68
C VAL B 114 1.34 16.95 15.06
N LYS B 115 1.74 17.92 14.22
CA LYS B 115 1.54 19.36 14.48
C LYS B 115 0.15 19.79 14.96
N ASP B 116 -0.91 19.44 14.25
CA ASP B 116 -2.21 19.72 14.83
C ASP B 116 -2.94 18.40 14.98
N TRP B 117 -2.39 17.54 15.84
CA TRP B 117 -2.92 16.22 16.05
C TRP B 117 -4.41 16.14 16.39
N MET B 118 -4.87 16.99 17.29
CA MET B 118 -6.27 16.90 17.71
C MET B 118 -7.22 17.25 16.55
N ASP B 119 -6.82 18.19 15.70
CA ASP B 119 -7.63 18.54 14.54
C ASP B 119 -7.65 17.37 13.54
N ARG B 120 -6.48 16.79 13.29
CA ARG B 120 -6.39 15.66 12.39
C ARG B 120 -7.24 14.47 12.82
N ILE B 121 -7.05 14.04 14.07
CA ILE B 121 -7.66 12.80 14.49
C ILE B 121 -9.16 13.00 14.63
N GLU B 122 -9.57 14.21 14.98
CA GLU B 122 -10.99 14.46 15.10
C GLU B 122 -11.66 14.39 13.73
N GLU B 123 -11.02 15.01 12.75
CA GLU B 123 -11.51 14.98 11.38
C GLU B 123 -11.60 13.53 10.89
N PHE B 124 -10.54 12.77 11.08
CA PHE B 124 -10.52 11.37 10.65
C PHE B 124 -11.67 10.58 11.26
N LEU B 125 -11.91 10.76 12.57
CA LEU B 125 -12.94 9.98 13.25
C LEU B 125 -14.37 10.40 12.84
N ALA B 126 -14.53 11.68 12.49
CA ALA B 126 -15.82 12.23 12.10
C ALA B 126 -16.21 11.79 10.68
N ALA B 127 -15.23 11.38 9.90
CA ALA B 127 -15.47 10.97 8.52
C ALA B 127 -16.24 9.65 8.39
N GLU B 128 -17.02 9.56 7.33
CA GLU B 128 -17.75 8.34 7.00
C GLU B 128 -16.77 7.20 6.82
N CYS B 129 -17.08 6.07 7.45
CA CYS B 129 -16.24 4.90 7.36
C CYS B 129 -16.68 4.01 6.21
N PRO B 130 -15.78 3.77 5.24
CA PRO B 130 -16.13 2.94 4.08
C PRO B 130 -16.37 1.47 4.44
N PHE B 131 -16.06 1.08 5.67
CA PHE B 131 -16.23 -0.32 6.06
C PHE B 131 -17.48 -0.52 6.93
N LEU B 132 -18.22 0.57 7.14
CA LEU B 132 -19.52 0.46 7.74
C LEU B 132 -20.60 0.74 6.69
N PRO B 133 -21.74 0.11 6.86
CA PRO B 133 -22.91 0.35 6.02
C PRO B 133 -23.20 1.81 5.82
N LYS B 134 -23.50 2.19 4.59
CA LYS B 134 -23.78 3.58 4.22
C LYS B 134 -25.05 4.05 4.83
N PRO B 135 -25.01 5.36 5.34
CA PRO B 135 -26.21 5.72 6.13
C PRO B 135 -27.54 5.70 5.37
N LYS B 136 -27.56 6.09 4.11
CA LYS B 136 -28.83 6.18 3.40
C LYS B 136 -29.74 7.36 3.81
N VAL B 137 -30.07 7.44 5.09
CA VAL B 137 -30.80 8.58 5.65
C VAL B 137 -29.89 9.44 6.55
N ALA B 138 -29.70 10.70 6.17
CA ALA B 138 -28.58 11.52 6.67
C ALA B 138 -28.55 11.84 8.18
N SER B 139 -29.41 11.21 8.96
CA SER B 139 -29.34 11.34 10.42
C SER B 139 -28.92 9.99 11.03
N GLU B 140 -28.64 9.05 10.14
CA GLU B 140 -27.99 7.79 10.49
C GLU B 140 -26.48 7.87 10.20
N ALA B 141 -26.04 9.02 9.68
CA ALA B 141 -24.65 9.21 9.30
C ALA B 141 -23.74 8.98 10.50
N PHE B 142 -24.15 9.48 11.66
CA PHE B 142 -23.34 9.37 12.88
C PHE B 142 -23.07 7.93 13.26
N MET B 143 -23.77 6.99 12.64
CA MET B 143 -23.59 5.59 12.97
C MET B 143 -22.60 4.96 12.01
N SER B 144 -22.22 5.72 10.99
CA SER B 144 -21.37 5.24 9.90
C SER B 144 -19.93 5.78 9.95
N THR B 145 -19.60 6.55 10.98
CA THR B 145 -18.31 7.21 11.05
C THR B 145 -17.17 6.29 11.51
N ASN B 146 -15.95 6.69 11.17
CA ASN B 146 -14.76 6.05 11.69
C ASN B 146 -14.79 5.95 13.20
N LYS B 147 -15.27 6.99 13.87
CA LYS B 147 -15.45 6.93 15.32
C LYS B 147 -16.31 5.74 15.71
N MET B 148 -17.32 5.42 14.90
CA MET B 148 -18.16 4.27 15.24
C MET B 148 -17.37 3.00 15.02
N TYR B 149 -16.59 2.99 13.95
CA TYR B 149 -15.74 1.85 13.66
C TYR B 149 -14.76 1.61 14.82
N PHE B 150 -14.29 2.70 15.41
CA PHE B 150 -13.27 2.64 16.44
C PHE B 150 -13.87 2.11 17.76
N LEU B 151 -15.10 2.51 18.03
CA LEU B 151 -15.87 1.99 19.15
C LEU B 151 -15.99 0.47 19.12
N ASN B 152 -16.41 -0.07 17.97
CA ASN B 152 -16.45 -1.52 17.82
C ASN B 152 -15.08 -2.12 18.00
N ARG B 153 -14.07 -1.44 17.47
CA ARG B 153 -12.68 -1.90 17.60
C ARG B 153 -12.29 -1.98 19.08
N GLN B 154 -12.66 -0.96 19.84
CA GLN B 154 -12.36 -0.91 21.26
C GLN B 154 -12.97 -2.10 22.01
N ARG B 155 -14.18 -2.51 21.62
CA ARG B 155 -14.81 -3.70 22.22
C ARG B 155 -14.03 -4.95 21.85
N GLN B 156 -13.45 -4.96 20.66
CA GLN B 156 -12.70 -6.10 20.17
C GLN B 156 -11.42 -6.33 20.93
N VAL B 157 -10.67 -5.25 21.16
CA VAL B 157 -9.37 -5.36 21.79
C VAL B 157 -9.53 -5.61 23.30
N ASN B 158 -10.65 -5.16 23.87
CA ASN B 158 -10.91 -5.43 25.28
C ASN B 158 -10.98 -6.93 25.55
N GLU B 159 -11.49 -7.69 24.59
CA GLU B 159 -11.52 -9.14 24.70
C GLU B 159 -10.12 -9.79 24.71
N SER B 160 -9.09 -9.04 24.33
CA SER B 160 -7.75 -9.61 24.14
C SER B 160 -6.77 -9.16 25.23
N LYS B 161 -7.29 -8.52 26.26
CA LYS B 161 -6.46 -7.98 27.32
C LYS B 161 -5.75 -9.08 28.08
N VAL B 162 -4.52 -8.77 28.50
CA VAL B 162 -3.67 -9.70 29.22
C VAL B 162 -3.33 -9.08 30.59
N GLN B 163 -3.61 -9.82 31.65
CA GLN B 163 -3.51 -9.28 33.02
C GLN B 163 -2.18 -8.58 33.33
N ASP B 164 -1.07 -9.17 32.91
CA ASP B 164 0.22 -8.52 33.13
C ASP B 164 0.21 -7.07 32.63
N ILE B 165 -0.36 -6.83 31.46
CA ILE B 165 -0.37 -5.48 30.88
C ILE B 165 -1.39 -4.57 31.57
N ILE B 166 -2.56 -5.11 31.90
CA ILE B 166 -3.52 -4.38 32.72
C ILE B 166 -2.84 -3.92 34.00
N ASP B 167 -2.10 -4.84 34.62
CA ASP B 167 -1.40 -4.54 35.87
C ASP B 167 -0.40 -3.40 35.66
N LEU B 168 0.32 -3.46 34.56
CA LEU B 168 1.21 -2.36 34.20
C LEU B 168 0.45 -1.03 34.14
N ILE B 169 -0.66 -1.00 33.43
CA ILE B 169 -1.45 0.22 33.26
C ILE B 169 -1.91 0.76 34.62
N ASP B 170 -2.43 -0.12 35.48
CA ASP B 170 -2.96 0.29 36.78
C ASP B 170 -1.89 0.84 37.71
N HIS B 171 -0.71 0.23 37.66
CA HIS B 171 0.42 0.69 38.45
C HIS B 171 0.86 2.05 37.92
N ALA B 172 1.00 2.15 36.60
CA ALA B 172 1.39 3.40 35.95
C ALA B 172 0.51 4.57 36.34
N GLU B 173 -0.79 4.30 36.46
CA GLU B 173 -1.79 5.32 36.77
C GLU B 173 -1.58 5.96 38.14
N THR B 174 -1.13 5.16 39.11
CA THR B 174 -0.92 5.63 40.48
C THR B 174 0.36 6.44 40.56
N GLU B 175 1.21 6.25 39.55
CA GLU B 175 2.48 6.95 39.49
C GLU B 175 2.36 8.06 38.46
N SER B 176 3.49 8.63 38.05
CA SER B 176 3.46 9.81 37.22
C SER B 176 3.26 9.62 35.70
N ALA B 177 2.59 8.53 35.34
CA ALA B 177 2.43 8.20 33.92
C ALA B 177 1.39 9.11 33.30
N THR B 178 1.56 9.47 32.04
CA THR B 178 0.53 10.26 31.37
C THR B 178 -0.20 9.43 30.31
N LEU B 179 -1.00 8.48 30.80
CA LEU B 179 -1.66 7.54 29.92
C LEU B 179 -2.93 8.15 29.33
N PHE B 180 -3.57 7.40 28.44
CA PHE B 180 -4.79 7.86 27.76
C PHE B 180 -5.60 6.63 27.44
N THR B 181 -6.92 6.77 27.34
CA THR B 181 -7.77 5.63 26.99
C THR B 181 -8.39 5.74 25.59
N GLU B 182 -8.19 6.89 24.95
CA GLU B 182 -8.78 7.22 23.65
C GLU B 182 -7.71 7.75 22.68
N ILE B 183 -7.83 7.44 21.38
CA ILE B 183 -6.86 7.93 20.40
C ILE B 183 -6.98 9.45 20.23
N ALA B 184 -8.19 9.99 20.41
CA ALA B 184 -8.42 11.42 20.28
C ALA B 184 -7.99 12.22 21.52
N THR B 185 -6.73 12.05 21.92
CA THR B 185 -6.14 12.80 23.03
C THR B 185 -4.85 13.44 22.50
N PRO B 186 -4.43 14.59 23.07
CA PRO B 186 -3.27 15.33 22.53
C PRO B 186 -1.99 14.52 22.41
N HIS B 187 -1.81 13.52 23.29
CA HIS B 187 -0.54 12.83 23.44
C HIS B 187 -0.53 11.39 22.95
N SER B 188 -1.62 10.92 22.36
CA SER B 188 -1.62 9.52 21.94
C SER B 188 -0.58 9.25 20.85
N VAL B 189 -0.48 10.15 19.88
CA VAL B 189 0.45 9.95 18.78
C VAL B 189 1.91 10.05 19.26
N TRP B 190 2.10 10.73 20.39
CA TRP B 190 3.44 10.93 20.90
C TRP B 190 4.07 9.68 21.50
N VAL B 191 3.32 8.58 21.62
CA VAL B 191 3.94 7.37 22.14
C VAL B 191 4.92 6.80 21.11
N PHE B 192 4.89 7.33 19.90
CA PHE B 192 5.75 6.80 18.84
C PHE B 192 6.93 7.73 18.48
N ALA B 193 6.98 8.90 19.11
CA ALA B 193 8.03 9.89 18.83
C ALA B 193 9.43 9.33 18.97
N CYS B 194 9.63 8.41 19.90
CA CYS B 194 10.96 7.84 20.12
C CYS B 194 11.10 6.47 19.50
N ALA B 195 10.30 6.23 18.47
CA ALA B 195 10.48 5.07 17.59
C ALA B 195 10.51 3.73 18.33
N PRO B 196 9.46 3.41 19.09
CA PRO B 196 9.45 2.08 19.69
C PRO B 196 9.39 1.01 18.62
N ASP B 197 9.85 -0.18 18.94
CA ASP B 197 9.93 -1.27 17.97
C ASP B 197 8.62 -2.08 17.91
N ARG B 198 7.68 -1.73 18.78
CA ARG B 198 6.36 -2.36 18.85
C ARG B 198 5.45 -1.34 19.55
N CYS B 199 4.14 -1.53 19.46
CA CYS B 199 3.24 -0.62 20.19
C CYS B 199 3.60 -0.64 21.67
N PRO B 200 3.78 0.54 22.29
CA PRO B 200 3.98 0.51 23.75
C PRO B 200 2.84 -0.23 24.46
N PRO B 201 3.20 -1.16 25.37
CA PRO B 201 2.27 -1.99 26.16
C PRO B 201 1.10 -1.21 26.71
N THR B 202 1.36 -0.05 27.32
CA THR B 202 0.30 0.70 27.97
C THR B 202 -0.71 1.27 26.98
N ALA B 203 -0.37 1.22 25.69
CA ALA B 203 -1.24 1.72 24.63
C ALA B 203 -1.88 0.60 23.82
N LEU B 204 -1.49 -0.64 24.08
CA LEU B 204 -1.97 -1.78 23.31
C LEU B 204 -3.50 -1.84 23.15
N TYR B 205 -4.22 -1.41 24.20
CA TYR B 205 -5.67 -1.53 24.24
C TYR B 205 -6.40 -0.21 24.03
N VAL B 206 -5.71 0.78 23.44
CA VAL B 206 -6.42 1.95 22.96
C VAL B 206 -6.73 1.73 21.50
N ALA B 207 -8.01 1.84 21.14
CA ALA B 207 -8.44 1.49 19.79
C ALA B 207 -7.70 2.31 18.75
N GLY B 208 -7.02 1.62 17.85
CA GLY B 208 -6.41 2.28 16.70
C GLY B 208 -4.97 2.72 16.90
N VAL B 209 -4.51 2.75 18.15
CA VAL B 209 -3.16 3.22 18.43
C VAL B 209 -2.07 2.23 17.98
N PRO B 210 -2.25 0.92 18.24
CA PRO B 210 -1.27 0.00 17.63
C PRO B 210 -1.15 0.15 16.11
N GLU B 211 -2.28 0.38 15.45
CA GLU B 211 -2.30 0.52 14.01
C GLU B 211 -1.66 1.84 13.56
N LEU B 212 -1.72 2.85 14.41
CA LEU B 212 -1.03 4.12 14.17
C LEU B 212 0.50 3.94 14.07
N GLY B 213 1.09 3.27 15.06
CA GLY B 213 2.47 2.84 14.98
C GLY B 213 2.77 2.10 13.69
N ALA B 214 1.84 1.26 13.26
CA ALA B 214 2.02 0.54 12.00
C ALA B 214 2.07 1.48 10.79
N PHE B 215 1.18 2.48 10.78
CA PHE B 215 1.15 3.51 9.73
C PHE B 215 2.51 4.21 9.60
N PHE B 216 3.13 4.51 10.73
CA PHE B 216 4.45 5.12 10.76
C PHE B 216 5.48 4.18 10.20
N SER B 217 5.39 2.90 10.56
CA SER B 217 6.41 1.96 10.10
C SER B 217 6.32 1.77 8.57
N ILE B 218 5.12 1.91 8.01
CA ILE B 218 4.96 1.78 6.56
C ILE B 218 5.50 3.02 5.86
N LEU B 219 5.29 4.19 6.47
CA LEU B 219 5.89 5.42 6.00
C LEU B 219 7.41 5.29 5.99
N GLN B 220 7.94 4.61 7.00
CA GLN B 220 9.39 4.40 7.04
C GLN B 220 9.89 3.50 5.91
N ASP B 221 9.14 2.44 5.61
CA ASP B 221 9.44 1.59 4.46
C ASP B 221 9.26 2.34 3.13
N MET B 222 8.20 3.14 3.05
CA MET B 222 7.99 3.95 1.84
C MET B 222 9.19 4.85 1.56
N ARG B 223 9.71 5.47 2.61
CA ARG B 223 10.85 6.36 2.50
C ARG B 223 12.08 5.57 2.09
N ASN B 224 12.29 4.44 2.74
CA ASN B 224 13.36 3.54 2.34
C ASN B 224 13.28 3.25 0.85
N THR B 225 12.10 2.89 0.40
CA THR B 225 11.86 2.59 -1.01
C THR B 225 12.06 3.80 -1.94
N ILE B 226 11.70 4.98 -1.47
CA ILE B 226 11.93 6.19 -2.25
C ILE B 226 13.45 6.46 -2.35
N MET B 227 14.21 5.97 -1.37
CA MET B 227 15.66 6.15 -1.36
C MET B 227 16.44 5.21 -2.26
N ALA B 228 15.93 3.99 -2.42
CA ALA B 228 16.68 2.90 -3.06
C ALA B 228 17.32 3.34 -4.38
N SER B 229 16.59 4.19 -5.10
CA SER B 229 17.13 4.91 -6.25
C SER B 229 16.67 6.36 -6.13
N LYS B 230 17.61 7.31 -5.98
CA LYS B 230 19.04 7.14 -6.22
C LYS B 230 19.90 6.59 -5.07
N SER B 231 20.55 5.45 -5.30
CA SER B 231 21.52 4.94 -4.33
C SER B 231 22.49 3.91 -4.93
N VAL B 232 23.71 3.89 -4.38
CA VAL B 232 24.83 3.12 -4.92
C VAL B 232 24.89 1.71 -4.32
N GLY B 233 24.24 0.77 -5.00
CA GLY B 233 24.20 -0.60 -4.53
C GLY B 233 24.86 -1.57 -5.49
N THR B 234 25.54 -2.58 -4.93
CA THR B 234 26.16 -3.61 -5.74
C THR B 234 25.21 -4.71 -6.22
N ALA B 235 24.06 -4.29 -6.76
CA ALA B 235 23.02 -5.19 -7.24
C ALA B 235 22.28 -5.75 -6.02
N GLU B 236 23.03 -6.45 -5.15
CA GLU B 236 22.46 -7.06 -3.97
C GLU B 236 23.04 -6.49 -2.67
N GLU B 237 23.30 -5.19 -2.67
CA GLU B 237 23.41 -4.44 -1.42
C GLU B 237 22.12 -3.62 -1.34
N LYS B 238 21.43 -3.57 -2.47
CA LYS B 238 20.10 -3.00 -2.57
C LYS B 238 19.11 -3.98 -1.97
N LEU B 239 19.02 -5.14 -2.59
CA LEU B 239 18.11 -6.19 -2.18
C LEU B 239 18.41 -6.68 -0.76
N LYS B 240 19.68 -6.63 -0.41
CA LYS B 240 20.18 -7.04 0.89
C LYS B 240 19.76 -6.14 2.02
N LYS B 241 19.97 -4.84 1.85
CA LYS B 241 19.73 -3.92 2.94
C LYS B 241 18.32 -3.33 2.96
N LYS B 242 17.45 -3.76 2.07
CA LYS B 242 16.09 -3.27 2.07
C LYS B 242 15.48 -3.32 3.44
N SER B 243 14.78 -2.28 3.80
CA SER B 243 14.18 -2.20 5.12
C SER B 243 12.96 -3.08 5.31
N ALA B 244 12.66 -3.34 6.56
CA ALA B 244 11.46 -4.10 6.93
C ALA B 244 10.89 -3.55 8.23
N PHE B 245 10.65 -2.24 8.26
CA PHE B 245 10.10 -1.62 9.45
C PHE B 245 8.72 -2.18 9.75
N TYR B 246 7.89 -2.28 8.71
CA TYR B 246 6.50 -2.71 8.90
C TYR B 246 6.43 -4.16 9.35
N GLN B 247 7.13 -5.04 8.64
CA GLN B 247 7.13 -6.46 9.03
C GLN B 247 7.61 -6.65 10.47
N SER B 248 8.61 -5.89 10.89
CA SER B 248 9.12 -6.05 12.25
C SER B 248 8.18 -5.46 13.29
N TYR B 249 7.57 -4.32 12.97
CA TYR B 249 6.62 -3.72 13.89
C TYR B 249 5.42 -4.66 14.06
N LEU B 250 5.03 -5.30 12.96
CA LEU B 250 3.87 -6.19 12.93
C LEU B 250 4.14 -7.44 13.78
N ARG B 251 5.23 -8.13 13.48
CA ARG B 251 5.69 -9.26 14.29
C ARG B 251 5.63 -8.93 15.76
N ARG B 252 6.39 -7.92 16.17
CA ARG B 252 6.62 -7.62 17.57
C ARG B 252 5.37 -7.11 18.32
N THR B 253 4.53 -6.31 17.65
CA THR B 253 3.32 -5.82 18.30
C THR B 253 2.32 -6.97 18.47
N GLN B 254 2.19 -7.80 17.46
CA GLN B 254 1.23 -8.87 17.52
C GLN B 254 1.73 -10.00 18.44
N SER B 255 3.03 -10.00 18.78
CA SER B 255 3.53 -10.96 19.76
C SER B 255 3.04 -10.64 21.17
N MET B 256 2.34 -9.53 21.31
CA MET B 256 1.85 -9.11 22.62
C MET B 256 0.39 -9.50 22.80
N GLY B 257 -0.11 -10.36 21.92
CA GLY B 257 -1.45 -10.89 22.06
C GLY B 257 -2.55 -10.02 21.50
N ILE B 258 -2.25 -9.38 20.38
CA ILE B 258 -3.26 -8.60 19.68
C ILE B 258 -2.99 -8.68 18.19
N GLN B 259 -4.05 -8.71 17.40
CA GLN B 259 -3.93 -8.68 15.94
C GLN B 259 -4.28 -7.30 15.47
N LEU B 260 -3.38 -6.67 14.71
CA LEU B 260 -3.67 -5.35 14.16
C LEU B 260 -4.87 -5.42 13.21
N ASP B 261 -5.76 -4.44 13.31
CA ASP B 261 -6.80 -4.26 12.32
C ASP B 261 -6.21 -3.71 11.03
N GLN B 262 -5.94 -4.59 10.06
CA GLN B 262 -5.39 -4.18 8.77
C GLN B 262 -6.21 -3.08 8.11
N LYS B 263 -7.51 -3.10 8.32
CA LYS B 263 -8.37 -2.12 7.71
C LYS B 263 -8.16 -0.73 8.30
N ILE B 264 -7.71 -0.65 9.54
CA ILE B 264 -7.48 0.65 10.16
C ILE B 264 -6.21 1.26 9.58
N ILE B 265 -5.21 0.41 9.35
CA ILE B 265 -3.95 0.85 8.74
C ILE B 265 -4.22 1.37 7.34
N ILE B 266 -5.08 0.65 6.61
CA ILE B 266 -5.47 1.10 5.30
C ILE B 266 -6.11 2.49 5.37
N LEU B 267 -7.07 2.69 6.26
CA LEU B 267 -7.69 4.02 6.39
C LEU B 267 -6.69 5.13 6.74
N TYR B 268 -5.69 4.83 7.57
CA TYR B 268 -4.64 5.81 7.90
C TYR B 268 -3.84 6.17 6.63
N MET B 269 -3.28 5.15 6.00
CA MET B 269 -2.39 5.34 4.86
C MET B 269 -3.11 6.16 3.78
N LEU B 270 -4.33 5.75 3.41
CA LEU B 270 -5.07 6.48 2.38
C LEU B 270 -5.58 7.86 2.80
N SER B 271 -5.81 8.10 4.09
CA SER B 271 -6.20 9.45 4.51
C SER B 271 -4.99 10.40 4.62
N TRP B 272 -3.82 9.89 4.99
CA TRP B 272 -2.72 10.71 5.49
C TRP B 272 -1.40 10.60 4.72
N GLY B 273 -1.27 9.54 3.92
CA GLY B 273 -0.02 9.21 3.27
C GLY B 273 0.48 10.26 2.31
N LYS B 274 -0.43 10.86 1.55
CA LYS B 274 -0.04 11.79 0.51
C LYS B 274 0.63 13.02 1.10
N GLU B 275 -0.05 13.66 2.05
CA GLU B 275 0.54 14.80 2.76
C GLU B 275 1.80 14.37 3.49
N ALA B 276 1.81 13.18 4.07
CA ALA B 276 2.97 12.76 4.86
C ALA B 276 4.25 12.62 4.03
N VAL B 277 4.13 12.09 2.82
CA VAL B 277 5.29 11.91 1.95
C VAL B 277 5.94 13.25 1.60
N ASN B 278 5.11 14.30 1.59
CA ASN B 278 5.62 15.64 1.27
C ASN B 278 6.56 16.20 2.36
N HIS B 279 6.66 15.50 3.50
CA HIS B 279 7.55 15.93 4.57
C HIS B 279 8.62 14.91 4.92
N PHE B 280 8.76 13.88 4.11
CA PHE B 280 9.89 12.98 4.26
C PHE B 280 11.20 13.75 4.10
N HIS B 281 12.28 13.30 4.72
CA HIS B 281 13.60 13.84 4.36
C HIS B 281 14.26 12.85 3.42
N LEU B 282 14.51 13.28 2.18
CA LEU B 282 14.92 12.40 1.10
C LEU B 282 16.37 12.60 0.64
#